data_4V1Z
#
_entry.id   4V1Z
#
_cell.length_a   79.230
_cell.length_b   131.390
_cell.length_c   45.920
_cell.angle_alpha   90.00
_cell.angle_beta   90.00
_cell.angle_gamma   90.00
#
_symmetry.space_group_name_H-M   'P 21 21 2'
#
loop_
_entity.id
_entity.type
_entity.pdbx_description
1 polymer CELLOBIOHYDROLASE
2 non-polymer 2-acetamido-2-deoxy-beta-D-glucopyranose
3 non-polymer 'ZINC ION'
4 water water
#
_entity_poly.entity_id   1
_entity_poly.type   'polypeptide(L)'
_entity_poly.pdbx_seq_one_letter_code
;(PCA)QVGTSQAEVHPSMTWQSCTAGGSCTTNNGKVVIDANWRWVHKVGDYTNCYTGNTWDTTICPDDATCASNCALEGA
NYESTYGVTASGNSLRLNFVTTSQQKNIGSRLYMMKDDSTYEMFKLLNQEFTFDVDVSNLPCGLNGALYFVAMDADGGMS
KYPTNKAGAKYGTGYCDSQCPRDLKFINGQANVEGWQPSSNDANAGTGNHGSCCAEMDIWEANSISTAFTPHPCDTPGQV
MCTGDACGGTYSSDRYGGTCDPDGCDFNSFRQGNKTFYGPGMTVDTKSKFTVVTQFITDDGTSSGTLKEIKRFYVQNGKV
IPNSESTWTGVSGNSITTEYCTAQKSLFQDQNVFEKHGGLEGMGAALAQGMVLVMSLWDDHSANMLWLDSNYPTTASSTT
PGVARGTCDISSGVPADVEANHPDAYVVYSNIKVGPIGSTFNSG
;
_entity_poly.pdbx_strand_id   A
#
loop_
_chem_comp.id
_chem_comp.type
_chem_comp.name
_chem_comp.formula
NAG D-saccharide, beta linking 2-acetamido-2-deoxy-beta-D-glucopyranose 'C8 H15 N O6'
ZN non-polymer 'ZINC ION' 'Zn 2'
#
# COMPACT_ATOMS: atom_id res chain seq x y z
N PCA A 1 4.78 4.85 -21.48
CA PCA A 1 5.87 5.83 -21.44
CB PCA A 1 5.94 6.20 -19.95
CG PCA A 1 5.26 5.08 -19.18
CD PCA A 1 4.46 4.36 -20.26
OE PCA A 1 3.63 3.47 -19.99
C PCA A 1 7.16 5.27 -21.87
O PCA A 1 7.34 4.05 -21.88
N GLN A 2 8.02 6.17 -22.33
CA GLN A 2 9.32 5.88 -22.80
C GLN A 2 10.33 5.91 -21.63
N VAL A 3 11.58 5.56 -21.91
CA VAL A 3 12.65 5.51 -20.98
C VAL A 3 13.58 6.70 -21.21
N GLY A 4 13.79 7.50 -20.19
CA GLY A 4 14.69 8.65 -20.33
C GLY A 4 16.09 8.12 -20.05
N THR A 5 17.12 8.80 -20.53
CA THR A 5 18.49 8.29 -20.25
C THR A 5 19.35 9.31 -19.52
N SER A 6 18.78 10.43 -19.07
CA SER A 6 19.55 11.44 -18.37
C SER A 6 20.13 10.88 -17.02
N GLN A 7 19.34 10.10 -16.29
CA GLN A 7 19.72 9.52 -15.01
C GLN A 7 19.53 8.01 -15.08
N ALA A 8 20.60 7.21 -14.92
CA ALA A 8 20.50 5.77 -14.90
C ALA A 8 19.63 5.34 -13.72
N GLU A 9 18.94 4.24 -13.90
CA GLU A 9 18.13 3.61 -12.83
C GLU A 9 18.87 2.43 -12.26
N VAL A 10 19.22 2.55 -10.97
CA VAL A 10 19.89 1.54 -10.19
C VAL A 10 19.05 1.31 -8.93
N HIS A 11 18.53 0.12 -8.83
CA HIS A 11 17.66 -0.27 -7.72
C HIS A 11 18.44 -0.59 -6.47
N PRO A 12 18.12 0.04 -5.34
CA PRO A 12 18.80 -0.34 -4.08
C PRO A 12 18.55 -1.80 -3.76
N SER A 13 19.57 -2.50 -3.26
CA SER A 13 19.42 -3.90 -2.85
C SER A 13 18.72 -4.03 -1.50
N MET A 14 17.89 -5.05 -1.39
CA MET A 14 17.26 -5.39 -0.13
C MET A 14 17.03 -6.90 -0.11
N THR A 15 17.66 -7.57 0.83
CA THR A 15 17.41 -9.01 0.95
C THR A 15 16.15 -9.34 1.73
N TRP A 16 15.59 -10.50 1.45
CA TRP A 16 14.51 -11.06 2.23
C TRP A 16 14.68 -12.58 2.20
N GLN A 17 14.04 -13.25 3.13
CA GLN A 17 14.15 -14.66 3.25
C GLN A 17 12.91 -15.51 2.93
N SER A 18 13.17 -16.63 2.31
CA SER A 18 12.23 -17.73 2.11
C SER A 18 12.48 -18.81 3.15
N CYS A 19 11.45 -19.24 3.90
CA CYS A 19 11.59 -20.19 4.98
C CYS A 19 10.89 -21.48 4.64
N THR A 20 11.40 -22.59 5.17
N THR A 20 11.38 -22.59 5.18
CA THR A 20 10.73 -23.88 5.00
CA THR A 20 10.70 -23.86 4.97
C THR A 20 10.19 -24.35 6.36
C THR A 20 10.22 -24.36 6.33
N ALA A 21 9.32 -25.34 6.31
CA ALA A 21 8.77 -25.92 7.50
C ALA A 21 9.95 -26.54 8.24
N GLY A 22 9.97 -26.22 9.54
CA GLY A 22 11.17 -26.43 10.38
C GLY A 22 11.96 -25.18 10.66
N GLY A 23 11.71 -24.09 9.92
CA GLY A 23 12.35 -22.82 10.26
C GLY A 23 13.68 -22.50 9.61
N SER A 24 14.20 -23.33 8.68
CA SER A 24 15.37 -22.94 7.90
C SER A 24 14.97 -21.88 6.90
N CYS A 25 15.87 -20.97 6.57
CA CYS A 25 15.57 -19.92 5.63
C CYS A 25 16.71 -19.74 4.66
N THR A 26 16.38 -19.30 3.44
N THR A 26 16.39 -19.33 3.43
CA THR A 26 17.33 -18.95 2.40
CA THR A 26 17.41 -18.87 2.53
C THR A 26 17.16 -17.46 2.08
C THR A 26 17.19 -17.41 2.24
N THR A 27 18.27 -16.76 1.87
CA THR A 27 18.28 -15.35 1.60
C THR A 27 18.14 -15.12 0.11
N ASN A 28 17.25 -14.21 -0.27
CA ASN A 28 17.03 -13.80 -1.64
C ASN A 28 17.62 -12.42 -1.87
N ASN A 29 18.21 -12.22 -3.01
CA ASN A 29 18.80 -10.94 -3.33
C ASN A 29 17.81 -10.04 -4.05
N GLY A 30 16.90 -9.45 -3.30
CA GLY A 30 15.90 -8.55 -3.84
C GLY A 30 16.47 -7.15 -4.10
N LYS A 31 15.68 -6.34 -4.81
CA LYS A 31 15.98 -4.98 -5.04
C LYS A 31 14.66 -4.23 -4.98
N VAL A 32 14.72 -2.96 -4.70
CA VAL A 32 13.49 -2.15 -4.67
C VAL A 32 13.47 -1.07 -5.74
N VAL A 33 12.26 -0.66 -6.14
CA VAL A 33 12.10 0.32 -7.23
C VAL A 33 11.00 1.28 -6.86
N ILE A 34 11.26 2.54 -7.10
CA ILE A 34 10.24 3.58 -6.81
C ILE A 34 9.18 3.65 -7.90
N ASP A 35 7.96 3.91 -7.45
CA ASP A 35 6.81 4.01 -8.36
C ASP A 35 6.98 5.16 -9.35
N ALA A 36 6.61 4.90 -10.58
CA ALA A 36 6.72 5.85 -11.70
C ALA A 36 6.12 7.24 -11.47
N ASN A 37 5.08 7.36 -10.66
N ASN A 37 5.07 7.31 -10.64
CA ASN A 37 4.52 8.70 -10.44
CA ASN A 37 4.41 8.59 -10.30
C ASN A 37 5.44 9.65 -9.71
C ASN A 37 5.32 9.59 -9.59
N TRP A 38 6.42 9.12 -9.01
CA TRP A 38 7.38 10.01 -8.28
C TRP A 38 8.46 10.52 -9.20
N ARG A 39 8.55 9.96 -10.41
CA ARG A 39 9.66 10.22 -11.30
C ARG A 39 9.54 11.51 -12.10
N TRP A 40 10.70 12.02 -12.49
CA TRP A 40 10.73 13.10 -13.49
C TRP A 40 10.28 12.53 -14.80
N VAL A 41 9.35 13.20 -15.46
N VAL A 41 9.34 13.23 -15.44
CA VAL A 41 8.90 12.77 -16.79
CA VAL A 41 8.78 12.85 -16.75
C VAL A 41 8.95 13.90 -17.82
C VAL A 41 9.11 13.98 -17.73
N HIS A 42 9.76 13.68 -18.85
CA HIS A 42 10.13 14.72 -19.78
C HIS A 42 9.97 14.27 -21.21
N LYS A 43 9.83 15.26 -22.08
CA LYS A 43 9.78 15.04 -23.51
C LYS A 43 10.98 14.22 -23.95
N VAL A 44 10.73 13.25 -24.79
CA VAL A 44 11.80 12.43 -25.35
C VAL A 44 12.85 13.32 -26.09
N GLY A 45 14.13 13.14 -25.80
CA GLY A 45 15.17 13.94 -26.44
C GLY A 45 15.30 15.35 -25.90
N ASP A 46 14.62 15.69 -24.81
CA ASP A 46 14.67 17.06 -24.29
C ASP A 46 14.55 17.02 -22.79
N TYR A 47 14.63 18.17 -22.14
CA TYR A 47 14.47 18.30 -20.72
C TYR A 47 13.13 18.90 -20.33
N THR A 48 12.29 19.23 -21.28
CA THR A 48 11.01 19.85 -20.99
C THR A 48 10.05 18.86 -20.24
N ASN A 49 9.56 19.20 -19.07
CA ASN A 49 8.64 18.36 -18.33
C ASN A 49 7.37 18.12 -19.11
N CYS A 50 6.87 16.87 -19.09
CA CYS A 50 5.52 16.62 -19.51
C CYS A 50 4.49 17.00 -18.50
N TYR A 51 4.90 17.09 -17.24
CA TYR A 51 4.07 17.31 -16.11
C TYR A 51 4.90 18.06 -15.13
N THR A 52 4.31 19.11 -14.56
CA THR A 52 4.97 19.94 -13.53
C THR A 52 3.92 20.36 -12.53
N GLY A 53 4.27 20.28 -11.27
CA GLY A 53 3.39 20.62 -10.20
C GLY A 53 2.22 19.65 -10.23
N ASN A 54 1.08 20.13 -10.69
CA ASN A 54 -0.09 19.22 -10.81
C ASN A 54 -0.85 19.35 -12.10
N THR A 55 -0.15 19.76 -13.15
N THR A 55 -0.15 19.83 -13.13
CA THR A 55 -0.74 20.03 -14.44
CA THR A 55 -0.71 20.08 -14.47
C THR A 55 0.19 19.50 -15.54
C THR A 55 0.21 19.47 -15.53
N TRP A 56 -0.38 19.05 -16.64
CA TRP A 56 0.39 18.58 -17.77
C TRP A 56 0.67 19.67 -18.81
N ASP A 57 1.66 19.41 -19.63
CA ASP A 57 1.98 20.27 -20.78
C ASP A 57 1.17 19.73 -21.92
N THR A 58 0.10 20.39 -22.30
CA THR A 58 -0.84 19.81 -23.24
C THR A 58 -0.40 20.02 -24.70
N THR A 59 0.69 20.73 -24.92
CA THR A 59 1.29 20.69 -26.24
C THR A 59 2.05 19.40 -26.45
N ILE A 60 2.81 18.96 -25.46
CA ILE A 60 3.51 17.67 -25.60
C ILE A 60 2.48 16.51 -25.47
N CYS A 61 1.46 16.75 -24.66
CA CYS A 61 0.47 15.76 -24.24
C CYS A 61 -0.93 16.19 -24.59
N PRO A 62 -1.25 16.21 -25.91
CA PRO A 62 -2.58 16.62 -26.34
C PRO A 62 -3.63 15.53 -26.13
N ASP A 63 -3.20 14.27 -26.02
CA ASP A 63 -4.10 13.17 -25.71
C ASP A 63 -3.26 12.05 -25.03
N ASP A 64 -3.94 11.04 -24.49
CA ASP A 64 -3.33 9.97 -23.72
C ASP A 64 -2.30 9.19 -24.48
N ALA A 65 -2.58 8.91 -25.79
CA ALA A 65 -1.66 8.11 -26.56
C ALA A 65 -0.43 8.91 -27.01
N THR A 66 -0.64 10.11 -27.53
CA THR A 66 0.49 10.91 -27.96
C THR A 66 1.43 11.19 -26.80
N CYS A 67 0.83 11.48 -25.66
CA CYS A 67 1.60 11.78 -24.43
C CYS A 67 2.53 10.62 -24.10
N ALA A 68 2.00 9.40 -24.16
CA ALA A 68 2.82 8.20 -23.85
C ALA A 68 3.96 7.98 -24.84
N SER A 69 3.77 8.34 -26.10
N SER A 69 3.77 8.33 -26.10
CA SER A 69 4.82 8.23 -27.11
CA SER A 69 4.82 8.19 -27.10
C SER A 69 5.89 9.30 -26.91
C SER A 69 5.84 9.33 -27.03
N ASN A 70 5.48 10.47 -26.45
CA ASN A 70 6.39 11.63 -26.39
C ASN A 70 7.10 11.81 -25.03
N CYS A 71 6.73 11.04 -24.02
CA CYS A 71 7.12 11.31 -22.59
C CYS A 71 7.92 10.14 -22.02
N ALA A 72 9.04 10.46 -21.38
CA ALA A 72 10.04 9.50 -20.92
C ALA A 72 10.17 9.61 -19.41
N LEU A 73 10.19 8.46 -18.75
CA LEU A 73 10.47 8.35 -17.31
C LEU A 73 11.91 8.29 -17.03
N GLU A 74 12.39 9.04 -16.02
CA GLU A 74 13.79 8.99 -15.66
C GLU A 74 14.16 8.11 -14.51
N GLY A 75 15.44 7.82 -14.44
CA GLY A 75 16.01 7.15 -13.27
C GLY A 75 15.96 8.05 -12.02
N ALA A 76 16.04 7.41 -10.86
CA ALA A 76 15.90 8.05 -9.55
C ALA A 76 17.16 8.02 -8.74
N ASN A 77 17.44 9.13 -8.05
CA ASN A 77 18.44 9.18 -7.00
C ASN A 77 17.75 8.91 -5.68
N TYR A 78 17.79 7.66 -5.27
CA TYR A 78 16.95 7.13 -4.21
C TYR A 78 17.19 7.93 -2.92
N GLU A 79 18.45 8.09 -2.55
CA GLU A 79 18.74 8.74 -1.26
C GLU A 79 18.54 10.26 -1.34
N SER A 80 19.19 10.92 -2.30
N SER A 80 19.20 10.94 -2.28
CA SER A 80 19.19 12.38 -2.34
CA SER A 80 19.17 12.41 -2.27
C SER A 80 17.88 13.04 -2.77
C SER A 80 17.91 13.08 -2.82
N THR A 81 17.17 12.41 -3.70
CA THR A 81 15.88 12.95 -4.14
C THR A 81 14.75 12.46 -3.28
N TYR A 82 14.77 11.19 -2.98
CA TYR A 82 13.57 10.56 -2.40
C TYR A 82 13.66 10.15 -0.94
N GLY A 83 14.81 10.27 -0.32
CA GLY A 83 14.93 9.91 1.10
C GLY A 83 14.85 8.39 1.36
N VAL A 84 15.12 7.61 0.33
CA VAL A 84 15.08 6.16 0.39
C VAL A 84 16.50 5.55 0.50
N THR A 85 16.69 4.78 1.55
CA THR A 85 17.95 4.06 1.74
C THR A 85 17.69 2.63 2.09
N ALA A 86 18.58 1.76 1.62
CA ALA A 86 18.47 0.38 2.00
C ALA A 86 19.84 -0.12 2.35
N SER A 87 19.91 -1.03 3.30
CA SER A 87 21.09 -1.84 3.50
C SER A 87 20.72 -3.15 4.14
N GLY A 88 21.43 -4.21 3.73
CA GLY A 88 21.18 -5.55 4.08
C GLY A 88 19.72 -5.92 3.81
N ASN A 89 19.01 -6.21 4.87
CA ASN A 89 17.59 -6.57 4.79
C ASN A 89 16.65 -5.44 5.20
N SER A 90 17.18 -4.22 5.29
N SER A 90 17.18 -4.23 5.30
CA SER A 90 16.43 -3.05 5.80
CA SER A 90 16.47 -3.08 5.85
C SER A 90 16.23 -1.95 4.82
C SER A 90 16.16 -2.09 4.74
N LEU A 91 15.02 -1.40 4.86
CA LEU A 91 14.63 -0.33 3.99
C LEU A 91 14.08 0.85 4.79
N ARG A 92 14.68 2.00 4.63
CA ARG A 92 14.24 3.19 5.32
C ARG A 92 13.62 4.20 4.33
N LEU A 93 12.43 4.69 4.69
CA LEU A 93 11.74 5.71 3.91
C LEU A 93 11.56 6.96 4.77
N ASN A 94 12.10 8.07 4.31
CA ASN A 94 11.89 9.36 4.96
C ASN A 94 10.70 10.12 4.35
N PHE A 95 10.06 10.94 5.14
CA PHE A 95 8.84 11.64 4.69
C PHE A 95 9.15 12.75 3.70
N VAL A 96 9.87 13.79 4.13
CA VAL A 96 10.19 14.88 3.24
C VAL A 96 11.67 14.88 2.97
N THR A 97 12.00 15.07 1.71
CA THR A 97 13.38 15.22 1.29
C THR A 97 13.47 16.42 0.33
N THR A 98 14.33 17.39 0.70
CA THR A 98 14.55 18.59 -0.10
C THR A 98 15.93 18.46 -0.79
N SER A 99 15.88 18.58 -2.10
CA SER A 99 17.05 18.60 -3.00
C SER A 99 16.81 19.94 -3.76
N GLN A 100 16.85 19.95 -5.10
CA GLN A 100 16.31 21.08 -5.85
C GLN A 100 14.86 21.24 -5.66
N GLN A 101 14.14 20.15 -5.43
CA GLN A 101 12.76 20.25 -5.12
C GLN A 101 12.45 19.54 -3.82
N LYS A 102 11.21 19.65 -3.41
CA LYS A 102 10.71 19.07 -2.20
C LYS A 102 9.91 17.80 -2.55
N ASN A 103 10.44 16.62 -2.22
CA ASN A 103 9.74 15.39 -2.42
C ASN A 103 9.02 15.02 -1.10
N ILE A 104 7.82 14.46 -1.25
CA ILE A 104 7.03 14.00 -0.14
C ILE A 104 6.64 12.55 -0.36
N GLY A 105 7.06 11.72 0.56
CA GLY A 105 6.72 10.31 0.59
C GLY A 105 7.41 9.49 -0.50
N SER A 106 7.00 8.23 -0.56
CA SER A 106 7.49 7.31 -1.57
C SER A 106 6.66 6.04 -1.52
N ARG A 107 6.76 5.29 -2.60
CA ARG A 107 6.08 4.00 -2.75
C ARG A 107 7.06 3.16 -3.55
N LEU A 108 7.47 2.05 -2.95
CA LEU A 108 8.47 1.12 -3.49
C LEU A 108 7.88 -0.25 -3.69
N TYR A 109 8.38 -0.96 -4.71
CA TYR A 109 8.07 -2.35 -4.96
C TYR A 109 9.30 -3.26 -4.80
N MET A 110 9.06 -4.46 -4.30
CA MET A 110 10.09 -5.52 -4.28
C MET A 110 10.23 -6.19 -5.64
N MET A 111 11.47 -6.22 -6.12
CA MET A 111 11.83 -6.85 -7.39
C MET A 111 12.54 -8.19 -7.22
N LYS A 112 12.29 -9.09 -8.16
CA LYS A 112 13.03 -10.31 -8.34
C LYS A 112 14.31 -10.03 -9.17
N ASP A 113 14.18 -9.28 -10.26
CA ASP A 113 15.36 -8.80 -11.03
C ASP A 113 15.06 -7.41 -11.50
N ASP A 114 15.99 -6.82 -12.26
CA ASP A 114 15.85 -5.42 -12.62
C ASP A 114 14.72 -5.10 -13.55
N SER A 115 14.08 -6.10 -14.16
N SER A 115 14.09 -6.11 -14.14
CA SER A 115 12.89 -5.84 -14.94
CA SER A 115 12.91 -5.91 -14.97
C SER A 115 11.67 -6.61 -14.51
C SER A 115 11.64 -6.54 -14.46
N THR A 116 11.69 -7.17 -13.31
CA THR A 116 10.56 -8.01 -12.89
C THR A 116 10.25 -7.86 -11.40
N TYR A 117 9.00 -7.61 -11.07
CA TYR A 117 8.59 -7.59 -9.65
C TYR A 117 8.59 -9.04 -9.13
N GLU A 118 8.85 -9.17 -7.82
CA GLU A 118 8.71 -10.46 -7.12
C GLU A 118 7.24 -10.75 -6.89
N MET A 119 6.78 -11.89 -7.37
CA MET A 119 5.38 -12.29 -7.28
C MET A 119 5.21 -13.23 -6.06
N PHE A 120 4.72 -12.69 -4.97
CA PHE A 120 4.49 -13.45 -3.80
C PHE A 120 3.20 -14.24 -3.90
N LYS A 121 3.24 -15.50 -3.46
CA LYS A 121 2.08 -16.39 -3.41
C LYS A 121 1.76 -16.75 -1.95
N LEU A 122 0.86 -16.03 -1.32
CA LEU A 122 0.73 -16.06 0.11
C LEU A 122 -0.23 -17.09 0.67
N LEU A 123 -1.02 -17.74 -0.18
CA LEU A 123 -2.04 -18.68 0.31
C LEU A 123 -1.33 -19.81 1.05
N ASN A 124 -1.79 -20.11 2.27
CA ASN A 124 -1.19 -21.16 3.07
C ASN A 124 0.20 -20.86 3.52
N GLN A 125 0.53 -19.55 3.60
CA GLN A 125 1.80 -19.11 4.03
C GLN A 125 1.61 -17.98 5.03
N GLU A 126 2.71 -17.63 5.63
CA GLU A 126 2.80 -16.46 6.43
C GLU A 126 3.86 -15.52 5.91
N PHE A 127 3.57 -14.23 6.08
CA PHE A 127 4.48 -13.13 5.76
C PHE A 127 4.83 -12.44 7.07
N THR A 128 6.11 -12.22 7.30
CA THR A 128 6.60 -11.71 8.55
C THR A 128 7.65 -10.64 8.28
N PHE A 129 7.64 -9.58 9.08
CA PHE A 129 8.65 -8.53 8.96
C PHE A 129 8.80 -7.78 10.25
N ASP A 130 9.89 -7.08 10.35
CA ASP A 130 10.16 -6.24 11.49
C ASP A 130 9.94 -4.80 11.05
N VAL A 131 9.42 -4.00 11.98
CA VAL A 131 9.21 -2.58 11.71
C VAL A 131 9.55 -1.71 12.86
N ASP A 132 10.02 -0.51 12.52
CA ASP A 132 10.21 0.55 13.47
C ASP A 132 9.29 1.71 13.05
N VAL A 133 8.24 1.88 13.85
CA VAL A 133 7.20 2.94 13.62
C VAL A 133 7.32 4.08 14.67
N SER A 134 8.42 4.08 15.38
CA SER A 134 8.59 5.03 16.52
C SER A 134 8.68 6.49 16.09
N ASN A 135 9.08 6.74 14.83
CA ASN A 135 9.15 8.06 14.27
C ASN A 135 7.98 8.43 13.37
N LEU A 136 6.89 7.69 13.48
CA LEU A 136 5.66 8.02 12.77
C LEU A 136 4.57 8.59 13.70
N PRO A 137 4.29 9.86 13.53
CA PRO A 137 3.23 10.53 14.30
C PRO A 137 1.83 10.32 13.68
N CYS A 138 0.82 10.91 14.33
CA CYS A 138 -0.55 11.09 13.80
C CYS A 138 -0.44 11.62 12.40
N GLY A 139 -1.24 11.10 11.50
CA GLY A 139 -1.32 11.69 10.20
C GLY A 139 -0.45 11.10 9.13
N LEU A 140 0.45 10.21 9.48
CA LEU A 140 1.33 9.56 8.53
C LEU A 140 1.01 8.09 8.57
N ASN A 141 1.31 7.44 7.47
CA ASN A 141 1.07 5.99 7.35
C ASN A 141 2.29 5.37 6.74
N GLY A 142 2.94 4.46 7.45
CA GLY A 142 3.92 3.59 6.85
C GLY A 142 3.24 2.31 6.47
N ALA A 143 3.00 2.12 5.18
CA ALA A 143 2.21 0.98 4.75
C ALA A 143 3.08 -0.07 4.09
N LEU A 144 2.80 -1.30 4.44
CA LEU A 144 3.33 -2.44 3.76
C LEU A 144 2.15 -3.30 3.34
N TYR A 145 2.07 -3.53 2.04
CA TYR A 145 0.94 -4.25 1.52
C TYR A 145 1.22 -4.92 0.20
N PHE A 146 0.21 -5.64 -0.27
CA PHE A 146 0.28 -6.38 -1.52
C PHE A 146 -0.80 -5.97 -2.49
N VAL A 147 -0.42 -5.88 -3.76
CA VAL A 147 -1.38 -5.58 -4.83
C VAL A 147 -1.15 -6.50 -6.04
N ALA A 148 -2.24 -6.88 -6.69
CA ALA A 148 -2.20 -7.73 -7.86
C ALA A 148 -1.76 -7.04 -9.16
N MET A 149 -0.54 -6.45 -9.12
CA MET A 149 0.07 -5.89 -10.31
C MET A 149 0.64 -6.96 -11.22
N ASP A 150 0.86 -6.61 -12.49
CA ASP A 150 1.61 -7.47 -13.47
C ASP A 150 3.08 -7.53 -13.10
N ALA A 151 3.75 -8.70 -13.22
CA ALA A 151 5.15 -8.81 -12.82
C ALA A 151 6.09 -7.92 -13.60
N ASP A 152 5.80 -7.68 -14.88
CA ASP A 152 6.68 -6.77 -15.67
C ASP A 152 6.17 -5.31 -15.74
N GLY A 153 5.25 -4.99 -14.88
CA GLY A 153 4.67 -3.66 -14.82
C GLY A 153 3.80 -3.30 -16.03
N GLY A 154 3.40 -4.32 -16.82
CA GLY A 154 2.56 -4.12 -17.97
C GLY A 154 3.27 -4.05 -19.31
N MET A 155 4.59 -4.24 -19.34
CA MET A 155 5.36 -4.15 -20.57
C MET A 155 4.92 -5.11 -21.66
N SER A 156 4.68 -6.38 -21.35
N SER A 156 4.63 -6.35 -21.30
CA SER A 156 4.35 -7.33 -22.42
CA SER A 156 4.35 -7.36 -22.32
C SER A 156 2.95 -7.02 -22.99
C SER A 156 2.92 -7.21 -22.91
N LYS A 157 2.03 -6.58 -22.13
CA LYS A 157 0.69 -6.27 -22.54
C LYS A 157 0.54 -5.00 -23.34
N TYR A 158 1.37 -3.98 -23.06
CA TYR A 158 1.11 -2.61 -23.51
C TYR A 158 2.41 -2.16 -24.17
N PRO A 159 2.55 -2.36 -25.48
CA PRO A 159 3.80 -1.97 -26.17
C PRO A 159 4.19 -0.51 -26.07
N THR A 160 3.24 0.38 -25.82
CA THR A 160 3.50 1.77 -25.63
C THR A 160 4.08 2.07 -24.20
N ASN A 161 4.17 1.02 -23.35
CA ASN A 161 4.96 1.03 -22.11
C ASN A 161 6.30 0.42 -22.34
N LYS A 162 7.30 1.27 -22.60
CA LYS A 162 8.65 0.79 -22.81
C LYS A 162 9.49 0.75 -21.53
N ALA A 163 8.93 1.20 -20.42
CA ALA A 163 9.66 1.34 -19.18
C ALA A 163 9.52 0.15 -18.23
N GLY A 164 8.32 -0.28 -17.99
CA GLY A 164 8.07 -1.47 -17.23
C GLY A 164 8.43 -1.41 -15.76
N ALA A 165 8.54 -2.59 -15.17
CA ALA A 165 8.84 -2.73 -13.77
C ALA A 165 10.17 -2.07 -13.39
N LYS A 166 11.08 -1.95 -14.33
CA LYS A 166 12.33 -1.26 -14.01
C LYS A 166 12.14 0.14 -13.51
N TYR A 167 11.10 0.82 -14.01
CA TYR A 167 10.74 2.20 -13.63
C TYR A 167 9.48 2.27 -12.79
N GLY A 168 9.07 1.15 -12.22
CA GLY A 168 7.94 1.17 -11.32
C GLY A 168 6.57 1.43 -11.94
N THR A 169 6.33 0.98 -13.17
CA THR A 169 5.04 1.16 -13.80
C THR A 169 4.07 0.07 -13.36
N GLY A 170 2.77 0.31 -13.62
CA GLY A 170 1.72 -0.68 -13.44
C GLY A 170 1.00 -0.71 -12.13
N TYR A 171 1.15 0.30 -11.30
CA TYR A 171 0.48 0.27 -10.01
C TYR A 171 -1.07 0.20 -10.19
N CYS A 172 -1.74 -0.41 -9.20
CA CYS A 172 -3.13 -0.50 -9.12
C CYS A 172 -3.41 -0.80 -7.67
N ASP A 173 -4.60 -0.42 -7.20
CA ASP A 173 -5.06 -0.86 -5.92
C ASP A 173 -6.57 -0.84 -5.80
N SER A 174 -7.11 -1.10 -4.59
CA SER A 174 -8.54 -1.29 -4.44
C SER A 174 -9.34 0.03 -4.40
N GLN A 175 -8.64 1.17 -4.44
CA GLN A 175 -9.25 2.46 -4.61
C GLN A 175 -9.40 2.81 -6.06
N CYS A 176 -8.91 1.98 -6.97
CA CYS A 176 -8.99 2.27 -8.40
C CYS A 176 -8.43 3.69 -8.63
N PRO A 177 -7.20 3.94 -8.16
CA PRO A 177 -6.61 5.30 -8.19
C PRO A 177 -6.57 5.94 -9.57
N ARG A 178 -7.09 7.18 -9.65
CA ARG A 178 -7.13 8.01 -10.84
C ARG A 178 -6.05 9.07 -10.83
N ASP A 179 -5.21 9.05 -9.79
CA ASP A 179 -4.12 10.02 -9.67
C ASP A 179 -2.82 9.60 -10.35
N LEU A 180 -2.81 8.43 -11.02
CA LEU A 180 -1.63 7.94 -11.68
C LEU A 180 -1.49 8.64 -13.01
N LYS A 181 -0.29 9.04 -13.33
CA LYS A 181 -0.01 9.68 -14.59
C LYS A 181 -0.02 8.75 -15.80
N PHE A 182 0.44 7.50 -15.64
CA PHE A 182 0.46 6.50 -16.73
C PHE A 182 -0.24 5.24 -16.26
N ILE A 183 -1.21 4.80 -17.07
CA ILE A 183 -1.90 3.56 -16.81
C ILE A 183 -1.96 2.78 -18.15
N ASN A 184 -1.46 1.53 -18.18
CA ASN A 184 -1.64 0.59 -19.31
C ASN A 184 -1.02 1.25 -20.56
N GLY A 185 0.07 1.96 -20.37
CA GLY A 185 0.81 2.53 -21.50
C GLY A 185 0.14 3.66 -22.17
N GLN A 186 -0.74 4.32 -21.46
CA GLN A 186 -1.37 5.57 -21.87
C GLN A 186 -1.16 6.58 -20.74
N ALA A 187 -0.90 7.83 -21.11
CA ALA A 187 -1.00 8.90 -20.13
C ALA A 187 -2.43 9.09 -19.58
N ASN A 188 -2.55 9.91 -18.54
CA ASN A 188 -3.85 10.17 -17.94
C ASN A 188 -4.19 11.67 -18.04
N VAL A 189 -3.65 12.30 -19.07
CA VAL A 189 -3.81 13.73 -19.26
C VAL A 189 -5.27 14.08 -19.57
N GLU A 190 -5.95 13.23 -20.31
CA GLU A 190 -7.38 13.51 -20.61
C GLU A 190 -8.27 13.50 -19.39
N GLY A 191 -9.01 14.61 -19.21
CA GLY A 191 -9.79 14.82 -18.00
C GLY A 191 -9.07 15.23 -16.74
N TRP A 192 -7.83 15.58 -16.88
CA TRP A 192 -7.01 15.80 -15.70
C TRP A 192 -7.44 17.05 -14.99
N GLN A 193 -7.67 16.94 -13.70
CA GLN A 193 -7.91 18.05 -12.85
C GLN A 193 -6.90 18.06 -11.67
N PRO A 194 -6.23 19.19 -11.43
CA PRO A 194 -5.41 19.31 -10.22
C PRO A 194 -6.16 19.19 -8.92
N SER A 195 -5.50 18.62 -7.93
CA SER A 195 -6.04 18.50 -6.59
C SER A 195 -6.18 19.89 -5.97
N SER A 196 -7.20 20.09 -5.17
CA SER A 196 -7.35 21.37 -4.44
C SER A 196 -6.39 21.48 -3.24
N ASN A 197 -5.84 20.38 -2.76
CA ASN A 197 -4.91 20.46 -1.61
C ASN A 197 -3.65 19.66 -1.74
N ASP A 198 -3.24 19.37 -2.97
CA ASP A 198 -1.99 18.70 -3.21
C ASP A 198 -1.34 19.32 -4.41
N ALA A 199 -0.28 20.05 -4.15
CA ALA A 199 0.43 20.76 -5.20
C ALA A 199 1.06 19.86 -6.25
N ASN A 200 1.22 18.58 -5.91
CA ASN A 200 1.87 17.64 -6.81
C ASN A 200 0.92 16.63 -7.50
N ALA A 201 -0.36 16.66 -7.16
CA ALA A 201 -1.29 15.60 -7.55
C ALA A 201 -2.53 16.09 -8.26
N GLY A 202 -3.20 15.16 -8.92
CA GLY A 202 -4.45 15.44 -9.57
C GLY A 202 -5.10 14.12 -9.90
N THR A 203 -6.13 14.15 -10.72
CA THR A 203 -6.82 12.93 -11.12
C THR A 203 -7.25 13.05 -12.59
N GLY A 204 -7.22 11.93 -13.32
CA GLY A 204 -7.58 11.93 -14.69
C GLY A 204 -8.79 11.02 -14.91
N ASN A 205 -9.15 10.82 -16.17
CA ASN A 205 -10.34 10.03 -16.52
C ASN A 205 -10.15 8.55 -16.21
N HIS A 206 -8.90 8.08 -16.24
CA HIS A 206 -8.59 6.66 -16.02
C HIS A 206 -8.15 6.34 -14.60
N GLY A 207 -8.54 5.17 -14.13
CA GLY A 207 -8.04 4.65 -12.87
C GLY A 207 -7.57 3.22 -13.09
N SER A 208 -6.84 2.73 -12.12
CA SER A 208 -6.18 1.44 -12.16
C SER A 208 -6.59 0.58 -10.92
N CYS A 209 -7.44 -0.40 -11.16
CA CYS A 209 -8.08 -1.20 -10.10
C CYS A 209 -7.39 -2.56 -9.99
N CYS A 210 -7.13 -3.02 -8.76
CA CYS A 210 -6.88 -4.43 -8.52
C CYS A 210 -7.10 -4.70 -7.07
N ALA A 211 -7.20 -5.96 -6.71
CA ALA A 211 -7.28 -6.39 -5.30
C ALA A 211 -6.01 -6.06 -4.53
N GLU A 212 -6.18 -5.91 -3.22
CA GLU A 212 -5.17 -5.36 -2.35
C GLU A 212 -5.26 -6.04 -0.99
N MET A 213 -4.16 -6.55 -0.46
CA MET A 213 -4.17 -7.06 0.92
C MET A 213 -3.29 -6.08 1.69
N ASP A 214 -3.90 -5.31 2.57
CA ASP A 214 -3.16 -4.36 3.42
C ASP A 214 -2.67 -5.08 4.65
N ILE A 215 -1.49 -5.62 4.57
CA ILE A 215 -0.85 -6.23 5.74
C ILE A 215 -0.68 -5.25 6.87
N TRP A 216 -0.28 -4.04 6.52
CA TRP A 216 0.18 -3.10 7.53
C TRP A 216 -0.04 -1.65 7.13
N GLU A 217 -0.94 -0.98 7.81
CA GLU A 217 -1.18 0.45 7.60
C GLU A 217 -1.07 1.02 9.02
N ALA A 218 -0.09 1.86 9.28
CA ALA A 218 0.28 2.06 10.70
C ALA A 218 1.09 3.30 10.91
N ASN A 219 0.99 3.79 12.13
CA ASN A 219 1.94 4.75 12.62
C ASN A 219 2.22 4.37 14.08
N SER A 220 2.80 5.24 14.88
CA SER A 220 3.03 4.89 16.31
C SER A 220 1.77 4.80 17.14
N ILE A 221 0.63 5.34 16.67
CA ILE A 221 -0.61 5.32 17.41
C ILE A 221 -1.52 4.14 17.13
N SER A 222 -1.72 3.84 15.86
CA SER A 222 -2.66 2.81 15.43
C SER A 222 -2.15 2.06 14.24
N THR A 223 -2.68 0.85 14.10
CA THR A 223 -2.43 0.02 12.95
C THR A 223 -3.69 -0.79 12.58
N ALA A 224 -3.78 -1.12 11.31
CA ALA A 224 -4.80 -1.96 10.81
C ALA A 224 -4.30 -2.90 9.72
N PHE A 225 -4.91 -4.08 9.65
CA PHE A 225 -4.70 -5.02 8.56
C PHE A 225 -6.07 -5.28 7.91
N THR A 226 -6.06 -5.31 6.58
CA THR A 226 -7.31 -5.20 5.81
C THR A 226 -7.25 -5.84 4.40
N PRO A 227 -7.98 -6.97 4.16
CA PRO A 227 -8.21 -7.43 2.78
C PRO A 227 -9.25 -6.62 2.01
N HIS A 228 -8.93 -6.31 0.76
CA HIS A 228 -9.81 -5.63 -0.17
C HIS A 228 -9.96 -6.43 -1.43
N PRO A 229 -11.04 -7.19 -1.54
CA PRO A 229 -11.30 -7.88 -2.80
C PRO A 229 -11.85 -7.02 -3.90
N CYS A 230 -11.59 -7.47 -5.16
CA CYS A 230 -12.24 -6.85 -6.33
C CYS A 230 -12.92 -7.92 -7.20
N ASP A 231 -13.89 -7.49 -7.97
CA ASP A 231 -14.55 -8.44 -8.94
C ASP A 231 -13.54 -9.15 -9.83
N THR A 232 -12.58 -8.41 -10.39
CA THR A 232 -11.41 -8.96 -11.08
C THR A 232 -10.18 -8.77 -10.17
N PRO A 233 -9.40 -9.83 -9.92
CA PRO A 233 -8.34 -9.71 -8.91
C PRO A 233 -7.17 -8.82 -9.44
N GLY A 234 -6.85 -8.95 -10.72
CA GLY A 234 -5.71 -8.28 -11.37
C GLY A 234 -6.01 -6.90 -11.89
N GLN A 235 -4.99 -6.29 -12.46
CA GLN A 235 -5.11 -4.88 -12.89
C GLN A 235 -6.10 -4.73 -13.99
N VAL A 236 -6.99 -3.74 -13.84
N VAL A 236 -7.00 -3.76 -13.87
CA VAL A 236 -7.99 -3.35 -14.86
CA VAL A 236 -7.88 -3.37 -14.97
C VAL A 236 -7.98 -1.82 -14.88
C VAL A 236 -8.11 -1.88 -14.92
N MET A 237 -8.02 -1.24 -16.07
CA MET A 237 -8.30 0.17 -16.17
C MET A 237 -9.77 0.49 -16.16
N CYS A 238 -10.19 1.47 -15.38
CA CYS A 238 -11.57 1.89 -15.29
C CYS A 238 -11.63 3.35 -15.78
N THR A 239 -12.84 3.84 -16.03
CA THR A 239 -13.06 5.20 -16.52
C THR A 239 -14.07 5.94 -15.71
N GLY A 240 -13.69 7.14 -15.25
CA GLY A 240 -14.65 8.04 -14.72
C GLY A 240 -15.14 7.70 -13.32
N ASP A 241 -16.27 8.27 -12.91
CA ASP A 241 -16.70 8.09 -11.52
C ASP A 241 -17.14 6.65 -11.27
N ALA A 242 -17.35 5.90 -12.37
CA ALA A 242 -17.53 4.45 -12.36
C ALA A 242 -16.38 3.60 -11.75
N CYS A 243 -15.17 4.18 -11.72
CA CYS A 243 -14.10 3.57 -11.01
C CYS A 243 -14.46 3.23 -9.57
N GLY A 244 -15.30 4.04 -8.98
CA GLY A 244 -15.52 4.05 -7.50
C GLY A 244 -14.23 4.43 -6.75
N GLY A 245 -14.15 4.06 -5.46
CA GLY A 245 -12.97 4.33 -4.64
C GLY A 245 -12.89 5.77 -4.14
N THR A 246 -11.83 6.06 -3.37
CA THR A 246 -11.55 7.40 -2.75
C THR A 246 -11.50 8.54 -3.78
N TYR A 247 -11.08 8.24 -5.02
CA TYR A 247 -10.88 9.30 -6.02
C TYR A 247 -12.13 9.66 -6.83
N SER A 248 -13.25 9.01 -6.57
N SER A 248 -13.30 9.18 -6.35
CA SER A 248 -14.44 9.21 -7.39
CA SER A 248 -14.60 9.27 -7.04
C SER A 248 -15.55 9.63 -6.45
C SER A 248 -15.76 9.79 -6.20
N SER A 249 -16.67 10.10 -6.97
N SER A 249 -16.77 10.31 -6.89
CA SER A 249 -17.69 10.72 -6.12
CA SER A 249 -17.98 10.80 -6.24
C SER A 249 -18.56 9.72 -5.37
C SER A 249 -18.58 9.72 -5.38
N ASP A 250 -18.86 8.58 -6.00
CA ASP A 250 -19.45 7.43 -5.28
C ASP A 250 -18.43 6.30 -5.10
N ARG A 251 -17.91 6.35 -3.91
CA ARG A 251 -17.00 5.43 -3.34
C ARG A 251 -17.39 3.96 -3.65
N TYR A 252 -18.66 3.64 -3.52
CA TYR A 252 -19.13 2.27 -3.59
C TYR A 252 -19.66 1.85 -4.93
N GLY A 253 -19.52 2.66 -5.94
CA GLY A 253 -20.18 2.33 -7.21
C GLY A 253 -19.30 1.57 -8.20
N GLY A 254 -18.10 1.12 -7.81
CA GLY A 254 -17.23 0.42 -8.77
C GLY A 254 -17.11 -1.08 -8.50
N THR A 255 -16.01 -1.66 -8.94
CA THR A 255 -15.79 -3.12 -8.88
C THR A 255 -14.90 -3.64 -7.74
N CYS A 256 -14.33 -2.70 -6.97
CA CYS A 256 -13.49 -2.99 -5.87
C CYS A 256 -14.06 -2.52 -4.53
N ASP A 257 -13.69 -3.24 -3.49
CA ASP A 257 -14.03 -2.88 -2.12
C ASP A 257 -13.07 -1.80 -1.58
N PRO A 258 -13.54 -0.53 -1.46
CA PRO A 258 -12.59 0.50 -1.07
C PRO A 258 -12.33 0.55 0.44
N ASP A 259 -13.17 -0.14 1.23
CA ASP A 259 -13.10 -0.12 2.70
C ASP A 259 -12.38 -1.34 3.26
N GLY A 260 -12.65 -2.49 2.66
CA GLY A 260 -12.04 -3.74 3.07
C GLY A 260 -12.69 -4.30 4.35
N CYS A 261 -12.24 -5.45 4.78
CA CYS A 261 -12.64 -5.99 6.11
C CYS A 261 -11.49 -5.82 7.04
N ASP A 262 -11.55 -4.79 7.87
CA ASP A 262 -10.41 -4.36 8.67
C ASP A 262 -10.38 -4.89 10.08
N PHE A 263 -9.16 -5.06 10.60
CA PHE A 263 -8.95 -5.34 12.04
C PHE A 263 -7.92 -4.33 12.56
N ASN A 264 -8.40 -3.33 13.26
CA ASN A 264 -7.60 -2.32 14.01
C ASN A 264 -7.95 -2.62 15.45
N SER A 265 -6.99 -3.06 16.24
CA SER A 265 -7.30 -3.48 17.67
C SER A 265 -8.11 -2.43 18.48
N PHE A 266 -7.82 -1.16 18.22
CA PHE A 266 -8.41 -0.02 18.92
C PHE A 266 -9.86 0.12 18.49
N ARG A 267 -10.08 0.09 17.18
CA ARG A 267 -11.41 0.12 16.65
C ARG A 267 -12.23 -1.07 17.14
N GLN A 268 -11.60 -2.22 17.32
CA GLN A 268 -12.24 -3.44 17.81
C GLN A 268 -12.26 -3.51 19.32
N GLY A 269 -12.01 -2.39 19.95
CA GLY A 269 -12.41 -2.24 21.37
C GLY A 269 -11.32 -2.39 22.42
N ASN A 270 -10.04 -2.52 22.01
CA ASN A 270 -8.96 -2.57 22.99
C ASN A 270 -8.07 -1.37 22.81
N LYS A 271 -8.17 -0.45 23.76
N LYS A 271 -8.17 -0.45 23.75
CA LYS A 271 -7.45 0.81 23.66
CA LYS A 271 -7.44 0.82 23.66
C LYS A 271 -6.00 0.75 24.16
C LYS A 271 -6.00 0.76 24.22
N THR A 272 -5.57 -0.39 24.69
CA THR A 272 -4.26 -0.53 25.35
C THR A 272 -3.39 -1.57 24.77
N PHE A 273 -3.70 -2.04 23.56
CA PHE A 273 -2.97 -3.12 22.95
C PHE A 273 -1.80 -2.64 22.13
N TYR A 274 -2.03 -1.62 21.31
CA TYR A 274 -1.02 -1.12 20.39
C TYR A 274 -0.83 0.34 20.52
N GLY A 275 0.41 0.76 20.73
CA GLY A 275 0.71 2.11 20.93
C GLY A 275 1.95 2.33 21.82
N PRO A 276 2.25 3.59 22.11
CA PRO A 276 3.38 3.92 22.94
C PRO A 276 3.20 3.33 24.34
N GLY A 277 4.15 2.51 24.76
CA GLY A 277 4.03 1.90 26.09
C GLY A 277 3.01 0.77 26.20
N MET A 278 2.42 0.35 25.08
CA MET A 278 1.32 -0.60 25.19
C MET A 278 1.84 -2.03 25.07
N THR A 279 0.95 -3.03 24.97
CA THR A 279 1.34 -4.42 24.86
C THR A 279 2.27 -4.67 23.68
N VAL A 280 1.89 -4.11 22.53
CA VAL A 280 2.76 -3.94 21.42
C VAL A 280 3.24 -2.49 21.49
N ASP A 281 4.50 -2.31 21.84
CA ASP A 281 5.03 -1.03 22.19
C ASP A 281 5.74 -0.36 21.03
N THR A 282 5.10 0.69 20.55
CA THR A 282 5.56 1.38 19.32
C THR A 282 6.80 2.20 19.50
N LYS A 283 7.30 2.33 20.74
CA LYS A 283 8.52 3.07 20.98
C LYS A 283 9.72 2.26 20.57
N SER A 284 9.53 0.97 20.34
N SER A 284 9.57 0.96 20.35
CA SER A 284 10.60 0.08 19.91
CA SER A 284 10.65 0.17 19.82
C SER A 284 10.20 -0.75 18.71
C SER A 284 10.21 -0.77 18.73
N LYS A 285 11.21 -1.33 18.06
CA LYS A 285 10.96 -2.28 16.93
C LYS A 285 10.19 -3.53 17.39
N PHE A 286 9.39 -4.11 16.48
CA PHE A 286 8.68 -5.33 16.74
C PHE A 286 8.48 -6.08 15.43
N THR A 287 8.14 -7.35 15.57
CA THR A 287 7.89 -8.25 14.47
C THR A 287 6.39 -8.38 14.27
N VAL A 288 5.97 -8.36 13.01
CA VAL A 288 4.58 -8.54 12.64
C VAL A 288 4.45 -9.78 11.78
N VAL A 289 3.62 -10.72 12.23
CA VAL A 289 3.38 -11.98 11.52
C VAL A 289 1.96 -11.99 11.00
N THR A 290 1.77 -12.34 9.73
CA THR A 290 0.43 -12.39 9.15
C THR A 290 0.26 -13.74 8.36
N GLN A 291 -0.70 -14.55 8.78
CA GLN A 291 -0.97 -15.84 8.26
C GLN A 291 -2.20 -15.92 7.39
N PHE A 292 -2.10 -16.59 6.26
CA PHE A 292 -3.22 -16.72 5.33
C PHE A 292 -3.68 -18.18 5.30
N ILE A 293 -4.65 -18.47 6.13
CA ILE A 293 -5.11 -19.84 6.38
C ILE A 293 -6.16 -20.25 5.38
N THR A 294 -6.00 -21.44 4.77
CA THR A 294 -6.96 -21.89 3.78
C THR A 294 -7.87 -22.98 4.35
N ASP A 295 -8.95 -23.32 3.69
CA ASP A 295 -9.92 -24.34 4.20
C ASP A 295 -9.38 -25.75 4.23
N ASP A 296 -8.39 -26.06 3.42
CA ASP A 296 -7.85 -27.41 3.43
C ASP A 296 -6.38 -27.50 3.79
N GLY A 297 -5.74 -26.41 4.21
CA GLY A 297 -4.33 -26.54 4.63
C GLY A 297 -3.37 -26.65 3.48
N THR A 298 -3.80 -26.32 2.26
CA THR A 298 -2.92 -26.26 1.11
C THR A 298 -2.98 -24.92 0.38
N SER A 299 -2.02 -24.68 -0.50
CA SER A 299 -1.95 -23.45 -1.23
C SER A 299 -2.99 -23.31 -2.34
N SER A 300 -3.79 -24.34 -2.59
N SER A 300 -3.77 -24.36 -2.57
CA SER A 300 -4.85 -24.24 -3.55
CA SER A 300 -4.82 -24.31 -3.55
C SER A 300 -6.22 -24.19 -2.88
C SER A 300 -6.21 -24.30 -2.88
N GLY A 301 -6.24 -24.23 -1.54
CA GLY A 301 -7.50 -24.15 -0.79
C GLY A 301 -8.03 -22.69 -0.87
N THR A 302 -9.22 -22.51 -0.34
CA THR A 302 -9.90 -21.20 -0.33
C THR A 302 -9.47 -20.48 0.94
N LEU A 303 -9.14 -19.20 0.81
CA LEU A 303 -8.77 -18.39 2.03
C LEU A 303 -9.95 -18.37 3.00
N LYS A 304 -9.68 -18.68 4.27
CA LYS A 304 -10.73 -18.74 5.26
C LYS A 304 -10.46 -17.90 6.50
N GLU A 305 -9.20 -17.57 6.78
CA GLU A 305 -8.87 -16.78 7.93
C GLU A 305 -7.55 -16.06 7.71
N ILE A 306 -7.48 -14.84 8.24
CA ILE A 306 -6.24 -14.10 8.32
C ILE A 306 -5.88 -13.86 9.76
N LYS A 307 -4.76 -14.45 10.23
CA LYS A 307 -4.32 -14.34 11.61
C LYS A 307 -3.13 -13.40 11.76
N ARG A 308 -2.99 -12.79 12.95
CA ARG A 308 -1.93 -11.86 13.25
C ARG A 308 -1.30 -12.20 14.57
N PHE A 309 0.04 -12.24 14.59
CA PHE A 309 0.82 -12.32 15.81
C PHE A 309 1.85 -11.23 15.82
N TYR A 310 2.24 -10.77 17.01
CA TYR A 310 3.41 -9.89 17.07
C TYR A 310 4.51 -10.57 17.88
N VAL A 311 5.75 -10.16 17.65
CA VAL A 311 6.84 -10.52 18.56
C VAL A 311 7.60 -9.31 18.97
N GLN A 312 7.73 -9.12 20.27
CA GLN A 312 8.53 -8.05 20.75
C GLN A 312 9.27 -8.45 22.04
N ASN A 313 10.53 -8.06 22.11
CA ASN A 313 11.42 -8.46 23.21
C ASN A 313 11.37 -9.99 23.44
N GLY A 314 11.36 -10.75 22.37
CA GLY A 314 11.21 -12.21 22.44
C GLY A 314 9.87 -12.78 22.92
N LYS A 315 8.86 -11.96 23.24
CA LYS A 315 7.54 -12.44 23.67
C LYS A 315 6.61 -12.52 22.43
N VAL A 316 6.03 -13.69 22.19
CA VAL A 316 5.02 -13.89 21.11
C VAL A 316 3.69 -13.38 21.63
N ILE A 317 3.05 -12.46 20.91
CA ILE A 317 1.87 -11.77 21.38
C ILE A 317 0.76 -12.07 20.36
N PRO A 318 -0.22 -12.88 20.73
CA PRO A 318 -1.38 -13.03 19.85
C PRO A 318 -2.14 -11.70 19.70
N ASN A 319 -2.77 -11.57 18.54
CA ASN A 319 -3.66 -10.45 18.31
C ASN A 319 -4.71 -10.30 19.39
N SER A 320 -5.06 -9.06 19.67
CA SER A 320 -6.09 -8.76 20.66
C SER A 320 -7.46 -9.20 20.23
N GLU A 321 -8.27 -9.61 21.22
N GLU A 321 -8.27 -9.54 21.21
CA GLU A 321 -9.70 -9.92 21.04
CA GLU A 321 -9.62 -9.96 20.95
C GLU A 321 -10.46 -8.68 20.64
C GLU A 321 -10.49 -8.73 20.68
N SER A 322 -11.40 -8.87 19.73
CA SER A 322 -12.41 -7.84 19.49
C SER A 322 -13.40 -7.92 20.67
N THR A 323 -13.79 -6.80 21.26
CA THR A 323 -14.51 -6.82 22.54
C THR A 323 -15.96 -6.41 22.42
N TRP A 324 -16.37 -6.00 21.25
CA TRP A 324 -17.75 -5.58 21.06
C TRP A 324 -18.71 -6.79 21.10
N THR A 325 -19.83 -6.58 21.75
CA THR A 325 -20.84 -7.63 21.76
C THR A 325 -21.22 -8.04 20.37
N GLY A 326 -21.13 -9.34 20.11
CA GLY A 326 -21.57 -9.82 18.83
C GLY A 326 -20.44 -9.82 17.79
N VAL A 327 -19.29 -9.21 18.12
CA VAL A 327 -18.13 -9.16 17.19
C VAL A 327 -16.88 -9.58 17.95
N SER A 328 -16.61 -10.86 17.99
CA SER A 328 -15.57 -11.48 18.78
C SER A 328 -14.49 -12.06 17.87
N GLY A 329 -13.52 -12.66 18.51
CA GLY A 329 -12.38 -13.32 17.89
C GLY A 329 -11.25 -12.30 17.71
N ASN A 330 -10.09 -12.81 17.31
CA ASN A 330 -8.92 -11.98 17.14
C ASN A 330 -8.36 -12.09 15.72
N SER A 331 -9.18 -12.53 14.77
CA SER A 331 -8.73 -12.74 13.40
C SER A 331 -9.79 -12.29 12.43
N ILE A 332 -9.47 -12.31 11.12
CA ILE A 332 -10.40 -11.96 10.10
C ILE A 332 -10.96 -13.24 9.47
N THR A 333 -12.27 -13.40 9.61
CA THR A 333 -13.01 -14.50 9.03
C THR A 333 -14.26 -13.94 8.42
N THR A 334 -14.96 -14.75 7.61
CA THR A 334 -16.19 -14.27 7.01
C THR A 334 -17.21 -13.83 8.07
N GLU A 335 -17.35 -14.63 9.11
CA GLU A 335 -18.29 -14.37 10.19
C GLU A 335 -17.95 -13.08 10.94
N TYR A 336 -16.67 -12.84 11.16
CA TYR A 336 -16.22 -11.55 11.74
C TYR A 336 -16.64 -10.40 10.88
N CYS A 337 -16.36 -10.50 9.57
CA CYS A 337 -16.60 -9.40 8.69
C CYS A 337 -18.05 -9.06 8.59
N THR A 338 -18.92 -10.06 8.55
CA THR A 338 -20.38 -9.81 8.46
C THR A 338 -20.88 -9.08 9.73
N ALA A 339 -20.41 -9.61 10.86
CA ALA A 339 -20.79 -9.14 12.17
C ALA A 339 -20.26 -7.73 12.41
N GLN A 340 -19.02 -7.47 11.99
CA GLN A 340 -18.39 -6.15 12.21
C GLN A 340 -19.09 -5.07 11.37
N LYS A 341 -19.34 -5.33 10.09
CA LYS A 341 -20.00 -4.35 9.23
C LYS A 341 -21.42 -4.05 9.71
N SER A 342 -22.08 -5.07 10.24
CA SER A 342 -23.41 -4.90 10.76
C SER A 342 -23.41 -3.99 11.99
N LEU A 343 -22.57 -4.29 12.98
CA LEU A 343 -22.52 -3.48 14.22
C LEU A 343 -22.08 -2.05 13.94
N PHE A 344 -21.06 -1.89 13.11
CA PHE A 344 -20.54 -0.58 12.78
C PHE A 344 -21.36 0.19 11.77
N GLN A 345 -22.38 -0.45 11.20
CA GLN A 345 -23.25 0.16 10.20
C GLN A 345 -22.49 0.64 8.99
N ASP A 346 -21.51 -0.14 8.56
CA ASP A 346 -20.82 0.11 7.32
C ASP A 346 -21.41 -0.71 6.18
N GLN A 347 -21.38 -0.16 4.97
N GLN A 347 -21.34 -0.16 4.98
CA GLN A 347 -21.87 -0.89 3.79
CA GLN A 347 -21.79 -0.83 3.76
C GLN A 347 -20.95 -2.07 3.55
C GLN A 347 -20.92 -2.07 3.54
N ASN A 348 -21.51 -3.27 3.45
CA ASN A 348 -20.71 -4.46 3.29
C ASN A 348 -20.42 -4.76 1.82
N VAL A 349 -19.60 -3.95 1.19
CA VAL A 349 -19.22 -4.30 -0.22
C VAL A 349 -18.06 -5.31 -0.28
N PHE A 350 -17.50 -5.62 0.88
CA PHE A 350 -16.52 -6.69 1.03
C PHE A 350 -17.09 -7.97 0.45
N GLU A 351 -18.24 -8.38 0.96
CA GLU A 351 -18.90 -9.57 0.44
C GLU A 351 -19.33 -9.39 -1.00
N LYS A 352 -19.81 -8.22 -1.35
CA LYS A 352 -20.28 -8.01 -2.68
C LYS A 352 -19.20 -8.29 -3.73
N HIS A 353 -17.94 -8.01 -3.41
CA HIS A 353 -16.82 -8.12 -4.38
C HIS A 353 -16.04 -9.37 -4.14
N GLY A 354 -16.61 -10.28 -3.37
CA GLY A 354 -16.10 -11.62 -3.23
C GLY A 354 -15.66 -12.10 -1.88
N GLY A 355 -15.65 -11.21 -0.89
CA GLY A 355 -15.15 -11.53 0.43
C GLY A 355 -13.77 -12.16 0.44
N LEU A 356 -13.56 -13.00 1.45
CA LEU A 356 -12.27 -13.64 1.60
C LEU A 356 -11.93 -14.63 0.49
N GLU A 357 -12.96 -15.30 -0.07
CA GLU A 357 -12.72 -16.09 -1.23
C GLU A 357 -12.13 -15.27 -2.40
N GLY A 358 -12.69 -14.11 -2.66
CA GLY A 358 -12.19 -13.19 -3.72
C GLY A 358 -10.80 -12.68 -3.41
N MET A 359 -10.52 -12.38 -2.14
CA MET A 359 -9.19 -11.99 -1.75
C MET A 359 -8.21 -13.13 -2.02
N GLY A 360 -8.60 -14.34 -1.71
CA GLY A 360 -7.77 -15.51 -1.97
C GLY A 360 -7.54 -15.71 -3.46
N ALA A 361 -8.52 -15.40 -4.27
CA ALA A 361 -8.33 -15.50 -5.75
C ALA A 361 -7.22 -14.55 -6.25
N ALA A 362 -7.17 -13.34 -5.68
CA ALA A 362 -6.06 -12.45 -5.93
C ALA A 362 -4.72 -12.97 -5.44
N LEU A 363 -4.68 -13.48 -4.20
CA LEU A 363 -3.52 -14.06 -3.68
C LEU A 363 -3.00 -15.18 -4.58
N ALA A 364 -3.91 -15.94 -5.19
CA ALA A 364 -3.51 -17.10 -6.02
C ALA A 364 -2.85 -16.63 -7.33
N GLN A 365 -3.11 -15.40 -7.75
CA GLN A 365 -2.52 -14.81 -8.97
C GLN A 365 -1.03 -14.47 -8.75
N GLY A 366 -0.58 -14.36 -7.49
CA GLY A 366 0.70 -13.73 -7.18
C GLY A 366 0.55 -12.23 -7.05
N MET A 367 1.25 -11.68 -6.08
CA MET A 367 1.04 -10.24 -5.74
C MET A 367 2.38 -9.57 -5.48
N VAL A 368 2.44 -8.28 -5.74
CA VAL A 368 3.59 -7.45 -5.56
C VAL A 368 3.54 -6.81 -4.18
N LEU A 369 4.70 -6.89 -3.53
CA LEU A 369 4.99 -6.27 -2.24
C LEU A 369 5.30 -4.80 -2.37
N VAL A 370 4.49 -3.97 -1.69
CA VAL A 370 4.64 -2.52 -1.69
C VAL A 370 5.04 -2.03 -0.28
N MET A 371 6.05 -1.16 -0.20
CA MET A 371 6.40 -0.45 1.05
C MET A 371 6.36 1.02 0.74
N SER A 372 5.58 1.71 1.53
CA SER A 372 5.33 3.15 1.25
C SER A 372 5.27 3.98 2.53
N LEU A 373 5.33 5.28 2.35
CA LEU A 373 5.14 6.23 3.40
C LEU A 373 4.39 7.41 2.80
N TRP A 374 3.26 7.75 3.39
CA TRP A 374 2.37 8.79 2.83
C TRP A 374 1.55 9.52 3.87
N ASP A 375 1.06 10.72 3.51
CA ASP A 375 0.05 11.40 4.26
C ASP A 375 -1.23 11.47 3.39
N ASP A 376 -2.36 11.88 3.96
CA ASP A 376 -3.66 11.55 3.41
C ASP A 376 -4.37 12.81 3.11
N HIS A 377 -4.35 13.17 1.84
CA HIS A 377 -5.00 14.40 1.40
C HIS A 377 -6.51 14.29 1.21
N SER A 378 -7.09 13.14 1.39
CA SER A 378 -8.54 13.07 1.38
C SER A 378 -9.11 13.09 2.82
N ALA A 379 -8.50 12.38 3.75
CA ALA A 379 -9.16 12.20 5.05
C ALA A 379 -8.22 12.30 6.26
N ASN A 380 -7.06 12.88 6.05
CA ASN A 380 -6.13 13.21 7.09
C ASN A 380 -5.72 12.01 8.01
N MET A 381 -5.89 10.80 7.50
CA MET A 381 -5.47 9.56 8.18
C MET A 381 -6.36 9.33 9.40
N LEU A 382 -7.45 10.07 9.50
CA LEU A 382 -8.33 9.97 10.70
C LEU A 382 -9.01 8.60 10.83
N TRP A 383 -9.28 8.00 9.67
CA TRP A 383 -9.81 6.64 9.55
C TRP A 383 -8.87 5.61 10.22
N LEU A 384 -7.59 5.93 10.31
CA LEU A 384 -6.63 4.98 10.95
C LEU A 384 -6.47 5.25 12.45
N ASP A 385 -6.39 6.51 12.81
CA ASP A 385 -5.85 6.89 14.12
C ASP A 385 -6.67 7.90 14.96
N SER A 386 -7.87 8.23 14.50
CA SER A 386 -8.74 9.20 15.16
C SER A 386 -10.20 8.75 15.18
N ASN A 387 -11.13 9.66 15.33
CA ASN A 387 -12.56 9.36 15.18
C ASN A 387 -12.88 9.54 13.74
N TYR A 388 -13.67 8.64 13.18
CA TYR A 388 -14.04 8.76 11.79
C TYR A 388 -15.41 8.12 11.57
N PRO A 389 -16.33 8.84 10.93
CA PRO A 389 -16.20 10.25 10.59
C PRO A 389 -16.14 11.15 11.79
N THR A 390 -15.51 12.31 11.60
CA THR A 390 -15.28 13.23 12.71
C THR A 390 -16.50 13.90 13.33
N THR A 391 -17.64 13.73 12.70
CA THR A 391 -18.88 14.20 13.23
C THR A 391 -19.48 13.22 14.20
N ALA A 392 -19.00 11.97 14.20
CA ALA A 392 -19.73 10.93 14.89
C ALA A 392 -19.31 10.96 16.36
N SER A 393 -20.07 10.29 17.21
CA SER A 393 -19.72 10.23 18.62
C SER A 393 -18.63 9.18 18.85
N SER A 394 -17.64 9.47 19.66
CA SER A 394 -16.63 8.47 19.91
C SER A 394 -17.12 7.25 20.71
N THR A 395 -18.28 7.31 21.32
CA THR A 395 -18.83 6.17 22.02
C THR A 395 -19.55 5.21 21.06
N THR A 396 -19.77 5.61 19.83
CA THR A 396 -20.44 4.69 18.86
C THR A 396 -19.47 3.63 18.33
N PRO A 397 -19.85 2.36 18.33
CA PRO A 397 -18.99 1.29 17.83
C PRO A 397 -18.55 1.57 16.40
N GLY A 398 -17.25 1.52 16.19
CA GLY A 398 -16.65 1.74 14.85
C GLY A 398 -16.06 3.12 14.64
N VAL A 399 -16.43 4.09 15.48
CA VAL A 399 -16.02 5.46 15.24
C VAL A 399 -14.55 5.74 15.63
N ALA A 400 -14.17 5.32 16.86
CA ALA A 400 -12.85 5.63 17.37
C ALA A 400 -11.81 4.58 17.00
N ARG A 401 -10.76 4.99 16.27
CA ARG A 401 -9.74 4.11 15.76
C ARG A 401 -8.36 4.35 16.31
N GLY A 402 -8.23 5.44 17.03
CA GLY A 402 -7.02 5.74 17.82
C GLY A 402 -7.26 7.01 18.61
N THR A 403 -6.18 7.54 19.17
CA THR A 403 -6.23 8.65 20.11
C THR A 403 -5.85 9.99 19.51
N CYS A 404 -5.59 10.02 18.20
CA CYS A 404 -5.23 11.26 17.53
C CYS A 404 -6.45 12.22 17.54
N ASP A 405 -6.12 13.49 17.69
CA ASP A 405 -7.14 14.54 17.64
C ASP A 405 -7.78 14.62 16.30
N ILE A 406 -9.09 14.87 16.27
CA ILE A 406 -9.80 15.01 14.97
C ILE A 406 -9.31 16.12 14.06
N SER A 407 -8.55 17.06 14.58
CA SER A 407 -7.91 18.07 13.72
C SER A 407 -6.52 17.77 13.22
N SER A 408 -5.93 16.60 13.64
CA SER A 408 -4.60 16.18 13.22
C SER A 408 -4.56 15.73 11.76
N GLY A 409 -3.34 15.59 11.25
CA GLY A 409 -3.19 14.97 9.93
C GLY A 409 -3.45 15.78 8.70
N VAL A 410 -3.74 17.07 8.85
CA VAL A 410 -3.83 17.95 7.65
C VAL A 410 -2.47 17.94 6.90
N PRO A 411 -2.47 17.63 5.61
CA PRO A 411 -1.17 17.45 4.98
C PRO A 411 -0.25 18.65 5.03
N ALA A 412 -0.76 19.85 4.82
CA ALA A 412 0.10 21.03 4.96
C ALA A 412 0.80 21.04 6.31
N ASP A 413 0.07 20.67 7.34
CA ASP A 413 0.59 20.67 8.69
C ASP A 413 1.57 19.54 8.88
N VAL A 414 1.19 18.34 8.42
CA VAL A 414 2.04 17.16 8.54
C VAL A 414 3.39 17.41 7.82
N GLU A 415 3.33 17.90 6.60
CA GLU A 415 4.56 18.21 5.83
C GLU A 415 5.43 19.22 6.53
N ALA A 416 4.81 20.23 7.10
CA ALA A 416 5.57 21.25 7.86
C ALA A 416 6.14 20.80 9.19
N ASN A 417 5.39 20.02 9.96
CA ASN A 417 5.76 19.70 11.33
C ASN A 417 6.66 18.46 11.40
N HIS A 418 6.54 17.53 10.44
CA HIS A 418 7.28 16.23 10.50
C HIS A 418 8.03 15.86 9.26
N PRO A 419 8.85 16.82 8.72
CA PRO A 419 9.54 16.46 7.51
C PRO A 419 10.56 15.30 7.77
N ASP A 420 10.95 15.18 9.04
N ASP A 420 11.12 15.17 8.98
CA ASP A 420 11.95 14.28 9.51
CA ASP A 420 12.07 14.08 9.27
C ASP A 420 11.44 12.85 9.81
C ASP A 420 11.41 12.85 9.95
N ALA A 421 10.13 12.68 9.78
CA ALA A 421 9.47 11.40 10.10
C ALA A 421 10.00 10.35 9.13
N TYR A 422 10.11 9.12 9.63
CA TYR A 422 10.56 8.01 8.81
C TYR A 422 10.07 6.70 9.29
N VAL A 423 10.11 5.71 8.41
CA VAL A 423 9.77 4.33 8.80
C VAL A 423 10.91 3.44 8.36
N VAL A 424 11.11 2.34 9.06
CA VAL A 424 12.09 1.32 8.69
C VAL A 424 11.48 -0.07 8.70
N TYR A 425 11.47 -0.68 7.51
CA TYR A 425 11.00 -2.06 7.35
C TYR A 425 12.23 -2.95 7.27
N SER A 426 12.19 -4.10 7.88
CA SER A 426 13.35 -5.00 7.76
C SER A 426 13.01 -6.44 7.96
N ASN A 427 14.00 -7.31 7.66
CA ASN A 427 13.96 -8.69 8.03
C ASN A 427 12.70 -9.45 7.58
N ILE A 428 12.37 -9.29 6.31
CA ILE A 428 11.17 -9.93 5.73
C ILE A 428 11.43 -11.42 5.61
N LYS A 429 10.44 -12.22 6.00
CA LYS A 429 10.47 -13.71 5.90
C LYS A 429 9.09 -14.17 5.45
N VAL A 430 9.07 -15.11 4.54
CA VAL A 430 7.88 -15.71 4.01
C VAL A 430 8.05 -17.21 3.96
N GLY A 431 7.05 -17.93 4.44
CA GLY A 431 7.15 -19.38 4.41
C GLY A 431 5.86 -20.01 4.92
N PRO A 432 5.88 -21.32 5.10
CA PRO A 432 4.71 -22.03 5.59
C PRO A 432 4.32 -21.55 6.95
N ILE A 433 3.05 -21.81 7.31
CA ILE A 433 2.48 -21.25 8.52
C ILE A 433 3.25 -21.81 9.72
N GLY A 434 3.65 -20.93 10.62
CA GLY A 434 4.46 -21.31 11.79
C GLY A 434 5.94 -21.29 11.56
N SER A 435 6.42 -21.14 10.31
CA SER A 435 7.84 -21.35 9.99
C SER A 435 8.70 -20.12 10.27
N THR A 436 8.10 -18.96 10.50
CA THR A 436 8.91 -17.74 10.54
C THR A 436 9.05 -17.15 11.93
N PHE A 437 8.50 -17.79 12.95
CA PHE A 437 8.61 -17.25 14.29
C PHE A 437 8.34 -18.38 15.27
N ASN A 438 8.51 -18.14 16.57
CA ASN A 438 8.26 -19.14 17.62
C ASN A 438 6.77 -19.41 17.77
N SER A 439 6.31 -20.34 16.94
CA SER A 439 4.89 -20.64 16.76
C SER A 439 4.37 -21.72 17.72
N GLY A 440 3.06 -21.88 17.78
CA GLY A 440 2.08 -21.08 16.95
C GLY A 440 0.93 -20.37 17.66
C1 NAG B . -6.18 -5.79 25.41
C2 NAG B . -7.08 -6.28 26.57
C3 NAG B . -6.22 -6.80 27.70
C4 NAG B . -5.34 -7.88 27.12
C5 NAG B . -4.51 -7.30 25.93
C6 NAG B . -3.63 -8.39 25.31
C7 NAG B . -9.33 -5.40 26.81
C8 NAG B . -10.23 -4.32 27.25
N2 NAG B . -7.99 -5.24 27.00
O3 NAG B . -7.09 -7.34 28.68
O4 NAG B . -4.47 -8.44 28.10
O5 NAG B . -5.40 -6.84 24.96
O6 NAG B . -4.49 -9.29 24.65
O7 NAG B . -9.87 -6.40 26.32
ZN ZN C . 1.11 15.30 1.39
ZN ZN D . 15.23 21.90 -23.57
#